data_5MHQ
#
_entry.id   5MHQ
#
_cell.length_a   52.660
_cell.length_b   71.150
_cell.length_c   71.150
_cell.angle_alpha   90.00
_cell.angle_beta   90.00
_cell.angle_gamma   90.00
#
_symmetry.space_group_name_H-M   'P 21 21 21'
#
loop_
_entity.id
_entity.type
_entity.pdbx_description
1 polymer 'Cyclin-dependent kinase 2'
2 non-polymer (2~{R},3~{S})-3-[[9-propan-2-yl-6-(pyridin-3-ylmethylamino)purin-2-yl]amino]pentan-2-ol
3 water water
#
_entity_poly.entity_id   1
_entity_poly.type   'polypeptide(L)'
_entity_poly.pdbx_seq_one_letter_code
;GPLGSPEFMENFQKVEKIGEGTYGVVYKARNKLTGEVVAL(KCX)KIRLDTETEGVPSTAIREISLLKELNHPNIVKLLD
VIHTENKLYLVFEFLHQDLKKFMDASALTGIPLPLIKSYLFQLLQGLAFCHSHRVLHRDLKPQNLLINTEGAIKLADFGL
ARAFGVPVRTYTHEVVTLWYRAPEILLGCKYYSTAVDIWSLGCIFAEMVTRRALFPGDSEIDQLFRIFRTLGTPDEVVWP
GVTSMPDYKPSFPKWARQDFSKVVPPLDEDGRSLLSQMLHYDPNKRISAKAALAHPFFQDVTKPVPHLRL
;
_entity_poly.pdbx_strand_id   A
#
loop_
_chem_comp.id
_chem_comp.type
_chem_comp.name
_chem_comp.formula
8QT non-polymer (2~{R},3~{S})-3-[[9-propan-2-yl-6-(pyridin-3-ylmethylamino)purin-2-yl]amino]pentan-2-ol 'C19 H27 N7 O'
#
# COMPACT_ATOMS: atom_id res chain seq x y z
N PRO A 6 -2.81 -6.70 30.00
CA PRO A 6 -2.73 -8.11 29.61
C PRO A 6 -1.34 -8.69 29.87
N GLU A 7 -1.28 -9.98 30.20
CA GLU A 7 -0.01 -10.66 30.56
C GLU A 7 1.15 -10.48 29.57
N PHE A 8 0.85 -10.68 28.29
CA PHE A 8 1.86 -10.56 27.24
C PHE A 8 2.66 -9.28 27.31
N MET A 9 1.93 -8.20 27.66
CA MET A 9 2.50 -6.86 27.70
C MET A 9 3.51 -6.69 28.82
N GLU A 10 3.56 -7.60 29.82
CA GLU A 10 4.69 -7.61 30.77
C GLU A 10 6.08 -7.84 30.17
N ASN A 11 6.14 -8.45 28.98
CA ASN A 11 7.40 -8.63 28.25
C ASN A 11 7.91 -7.27 27.73
N PHE A 12 7.05 -6.25 27.59
CA PHE A 12 7.46 -4.96 26.99
C PHE A 12 7.14 -3.68 27.78
N GLN A 13 8.07 -2.71 27.74
CA GLN A 13 7.76 -1.32 28.12
C GLN A 13 7.17 -0.62 26.90
N LYS A 14 5.91 -0.24 26.97
CA LYS A 14 5.33 0.64 25.99
C LYS A 14 6.03 1.99 26.12
N VAL A 15 6.66 2.43 25.03
CA VAL A 15 7.42 3.67 24.96
C VAL A 15 6.53 4.80 24.45
N GLU A 16 5.78 4.55 23.38
CA GLU A 16 4.75 5.46 22.95
C GLU A 16 3.73 4.77 22.08
N LYS A 17 2.58 5.41 21.92
CA LYS A 17 1.62 4.95 20.97
C LYS A 17 2.05 5.45 19.63
N ILE A 18 2.19 4.56 18.67
CA ILE A 18 2.54 4.97 17.32
C ILE A 18 1.27 5.39 16.63
N GLY A 19 0.19 4.61 16.81
CA GLY A 19 -0.99 4.97 16.14
C GLY A 19 -2.04 3.91 16.23
N GLU A 20 -3.10 4.16 15.49
CA GLU A 20 -4.20 3.18 15.41
C GLU A 20 -4.16 2.64 14.06
N GLY A 21 -3.95 1.33 13.94
CA GLY A 21 -4.00 0.71 12.69
C GLY A 21 -5.41 0.34 12.26
N THR A 22 -5.52 -0.36 11.17
CA THR A 22 -6.85 -0.88 10.75
C THR A 22 -7.41 -1.89 11.76
N TYR A 23 -6.55 -2.71 12.34
CA TYR A 23 -6.98 -3.86 13.13
C TYR A 23 -6.73 -3.71 14.58
N GLY A 24 -5.74 -2.91 14.93
CA GLY A 24 -5.45 -2.71 16.27
C GLY A 24 -4.49 -1.60 16.49
N VAL A 25 -4.30 -1.33 17.75
CA VAL A 25 -3.42 -0.30 18.20
C VAL A 25 -1.97 -0.78 18.01
N VAL A 26 -1.10 0.20 17.76
CA VAL A 26 0.30 -0.05 17.53
C VAL A 26 1.13 0.76 18.53
N TYR A 27 2.08 0.10 19.16
CA TYR A 27 2.93 0.69 20.16
C TYR A 27 4.38 0.49 19.80
N LYS A 28 5.18 1.52 20.01
CA LYS A 28 6.64 1.32 20.08
C LYS A 28 6.87 0.73 21.42
N ALA A 29 7.64 -0.35 21.48
CA ALA A 29 7.90 -1.02 22.74
C ALA A 29 9.35 -1.44 22.83
N ARG A 30 9.82 -1.61 24.05
CA ARG A 30 11.10 -2.22 24.30
C ARG A 30 10.82 -3.50 25.02
N ASN A 31 11.39 -4.57 24.48
CA ASN A 31 11.39 -5.88 25.10
C ASN A 31 12.14 -5.75 26.45
N LYS A 32 11.41 -5.86 27.56
CA LYS A 32 11.95 -5.64 28.91
C LYS A 32 13.20 -6.43 29.24
N LEU A 33 13.35 -7.60 28.60
CA LEU A 33 14.55 -8.42 28.79
C LEU A 33 15.64 -8.05 27.78
N THR A 34 15.47 -8.37 26.50
CA THR A 34 16.53 -8.11 25.49
C THR A 34 16.80 -6.64 25.20
N GLY A 35 15.87 -5.75 25.56
CA GLY A 35 15.98 -4.34 25.22
C GLY A 35 15.79 -4.02 23.73
N GLU A 36 15.39 -5.00 22.93
CA GLU A 36 15.11 -4.79 21.52
C GLU A 36 13.92 -3.82 21.38
N VAL A 37 14.05 -2.83 20.51
CA VAL A 37 12.92 -1.90 20.20
C VAL A 37 12.18 -2.45 19.03
N VAL A 38 10.84 -2.57 19.20
CA VAL A 38 9.99 -3.27 18.24
C VAL A 38 8.71 -2.40 18.13
N ALA A 39 7.93 -2.70 17.11
CA ALA A 39 6.56 -2.20 17.06
C ALA A 39 5.64 -3.36 17.33
N LEU A 40 4.74 -3.13 18.26
CA LEU A 40 3.82 -4.14 18.73
C LEU A 40 2.43 -3.76 18.25
N KCX A 41 1.79 -4.64 17.51
CA KCX A 41 0.40 -4.43 17.08
CB KCX A 41 0.18 -4.72 15.64
CG KCX A 41 -1.27 -4.47 15.26
CD KCX A 41 -1.53 -4.66 13.76
CE KCX A 41 -1.10 -3.35 13.14
NZ KCX A 41 -1.62 -3.09 11.84
C KCX A 41 -0.48 -5.36 17.90
O KCX A 41 -0.23 -6.57 17.95
CX KCX A 41 -2.89 -2.74 11.56
OQ1 KCX A 41 -3.73 -2.73 12.55
OQ2 KCX A 41 -3.22 -2.48 10.40
N LYS A 42 -1.46 -4.81 18.59
CA LYS A 42 -2.36 -5.61 19.38
C LYS A 42 -3.71 -5.62 18.76
N ILE A 43 -4.17 -6.80 18.38
CA ILE A 43 -5.48 -6.94 17.73
C ILE A 43 -6.43 -7.66 18.65
N ARG A 44 -7.58 -7.07 18.95
CA ARG A 44 -8.61 -7.73 19.79
C ARG A 44 -9.35 -8.71 18.91
N LEU A 45 -9.54 -9.92 19.40
CA LEU A 45 -10.25 -10.94 18.63
C LEU A 45 -11.74 -11.10 19.07
N THR A 55 -7.78 -20.02 11.33
CA THR A 55 -7.15 -19.92 10.01
C THR A 55 -6.18 -18.74 9.91
N ALA A 56 -6.56 -17.63 10.54
CA ALA A 56 -5.79 -16.38 10.51
C ALA A 56 -4.46 -16.56 11.24
N ILE A 57 -4.47 -17.27 12.38
CA ILE A 57 -3.19 -17.56 13.04
C ILE A 57 -2.22 -18.36 12.14
N ARG A 58 -2.73 -19.37 11.46
CA ARG A 58 -1.83 -20.16 10.69
C ARG A 58 -1.18 -19.36 9.56
N GLU A 59 -2.02 -18.66 8.81
CA GLU A 59 -1.54 -17.92 7.67
C GLU A 59 -0.65 -16.73 8.05
N ILE A 60 -0.98 -16.03 9.14
CA ILE A 60 -0.12 -14.94 9.59
C ILE A 60 1.18 -15.48 10.07
N SER A 61 1.13 -16.59 10.83
CA SER A 61 2.40 -17.23 11.24
C SER A 61 3.35 -17.58 10.09
N LEU A 62 2.78 -17.99 8.94
CA LEU A 62 3.57 -18.28 7.75
C LEU A 62 4.35 -17.07 7.20
N LEU A 63 3.83 -15.87 7.50
CA LEU A 63 4.53 -14.62 7.14
C LEU A 63 5.84 -14.39 7.85
N LYS A 64 6.18 -15.15 8.91
CA LYS A 64 7.45 -14.99 9.52
C LYS A 64 8.60 -15.42 8.60
N GLU A 65 8.32 -16.20 7.57
CA GLU A 65 9.33 -16.66 6.68
C GLU A 65 9.41 -15.79 5.48
N LEU A 66 8.48 -14.84 5.32
CA LEU A 66 8.36 -14.00 4.16
C LEU A 66 9.24 -12.76 4.36
N ASN A 67 10.55 -13.01 4.31
CA ASN A 67 11.53 -12.03 4.64
C ASN A 67 12.24 -11.39 3.44
N HIS A 68 12.30 -10.07 3.46
CA HIS A 68 12.94 -9.30 2.41
C HIS A 68 13.31 -7.94 2.94
N PRO A 69 14.37 -7.33 2.44
CA PRO A 69 14.76 -6.04 2.96
C PRO A 69 13.72 -4.88 2.82
N ASN A 70 12.80 -5.06 1.93
CA ASN A 70 11.73 -4.03 1.66
C ASN A 70 10.40 -4.47 2.24
N ILE A 71 10.41 -5.46 3.13
CA ILE A 71 9.22 -5.89 3.90
C ILE A 71 9.51 -5.74 5.34
N VAL A 72 8.65 -5.08 6.09
CA VAL A 72 8.86 -4.89 7.46
C VAL A 72 8.95 -6.26 8.11
N LYS A 73 10.00 -6.49 8.91
CA LYS A 73 10.21 -7.84 9.44
C LYS A 73 9.15 -8.16 10.47
N LEU A 74 8.49 -9.27 10.29
CA LEU A 74 7.57 -9.85 11.28
C LEU A 74 8.39 -10.77 12.16
N LEU A 75 8.51 -10.40 13.40
CA LEU A 75 9.41 -11.11 14.33
C LEU A 75 8.67 -12.19 15.05
N ASP A 76 7.41 -12.00 15.39
CA ASP A 76 6.65 -12.98 16.18
C ASP A 76 5.15 -12.77 16.06
N VAL A 77 4.42 -13.86 16.23
CA VAL A 77 2.99 -13.86 16.11
C VAL A 77 2.55 -14.58 17.35
N ILE A 78 1.91 -13.89 18.28
CA ILE A 78 1.53 -14.47 19.60
C ILE A 78 0.04 -14.39 19.83
N HIS A 79 -0.61 -15.53 20.05
CA HIS A 79 -2.04 -15.56 20.33
C HIS A 79 -2.18 -15.86 21.79
N THR A 80 -2.81 -14.95 22.53
CA THR A 80 -2.91 -15.09 23.98
C THR A 80 -4.08 -14.23 24.52
N GLU A 81 -4.92 -14.82 25.37
CA GLU A 81 -6.07 -14.12 25.98
C GLU A 81 -6.97 -13.27 25.04
N ASN A 82 -7.46 -13.84 23.94
CA ASN A 82 -8.34 -13.17 22.94
C ASN A 82 -7.72 -11.98 22.23
N LYS A 83 -6.40 -11.95 22.28
CA LYS A 83 -5.65 -10.94 21.59
C LYS A 83 -4.67 -11.68 20.67
N LEU A 84 -4.33 -10.98 19.59
CA LEU A 84 -3.29 -11.41 18.73
C LEU A 84 -2.33 -10.31 18.74
N TYR A 85 -1.09 -10.61 19.06
CA TYR A 85 -0.03 -9.62 19.04
C TYR A 85 0.91 -9.95 17.93
N LEU A 86 1.27 -8.93 17.17
CA LEU A 86 2.22 -9.07 16.14
C LEU A 86 3.37 -8.20 16.45
N VAL A 87 4.56 -8.79 16.47
CA VAL A 87 5.77 -8.03 16.86
C VAL A 87 6.58 -7.83 15.61
N PHE A 88 6.88 -6.59 15.31
CA PHE A 88 7.53 -6.16 14.11
C PHE A 88 8.78 -5.43 14.41
N GLU A 89 9.66 -5.43 13.41
CA GLU A 89 10.66 -4.40 13.32
C GLU A 89 10.03 -3.00 13.47
N PHE A 90 10.69 -2.08 14.13
CA PHE A 90 10.24 -0.71 14.27
C PHE A 90 10.90 0.18 13.23
N LEU A 91 10.11 1.01 12.56
CA LEU A 91 10.66 2.05 11.70
C LEU A 91 10.19 3.39 12.22
N HIS A 92 11.02 4.39 12.02
CA HIS A 92 10.74 5.68 12.64
C HIS A 92 9.74 6.58 11.95
N GLN A 93 9.37 6.33 10.70
CA GLN A 93 8.45 7.23 10.01
C GLN A 93 7.66 6.49 8.97
N ASP A 94 6.49 7.03 8.63
CA ASP A 94 5.67 6.50 7.58
C ASP A 94 5.63 7.46 6.46
N LEU A 95 5.33 6.95 5.30
CA LEU A 95 5.38 7.78 4.10
C LEU A 95 4.29 8.86 4.16
N LYS A 96 3.18 8.58 4.79
CA LYS A 96 2.06 9.59 4.82
C LYS A 96 2.55 10.82 5.56
N LYS A 97 3.19 10.65 6.70
CA LYS A 97 3.70 11.77 7.46
C LYS A 97 4.86 12.41 6.73
N PHE A 98 5.70 11.63 6.04
CA PHE A 98 6.80 12.17 5.27
C PHE A 98 6.25 13.03 4.14
N MET A 99 5.23 12.55 3.46
CA MET A 99 4.57 13.32 2.41
C MET A 99 3.99 14.62 2.93
N ASP A 100 3.35 14.55 4.08
CA ASP A 100 2.73 15.78 4.64
C ASP A 100 3.81 16.75 4.99
N ALA A 101 4.93 16.28 5.56
CA ALA A 101 6.08 17.11 5.93
C ALA A 101 6.81 17.70 4.74
N SER A 102 6.58 17.10 3.60
CA SER A 102 7.24 17.51 2.37
C SER A 102 6.32 18.33 1.51
N ALA A 103 5.18 18.74 2.05
CA ALA A 103 4.12 19.40 1.27
C ALA A 103 4.58 20.71 0.58
N LEU A 104 5.51 21.43 1.17
CA LEU A 104 5.91 22.74 0.57
C LEU A 104 6.83 22.57 -0.59
N THR A 105 7.68 21.56 -0.51
CA THR A 105 8.80 21.38 -1.42
C THR A 105 8.57 20.21 -2.39
N GLY A 106 7.83 19.20 -1.89
CA GLY A 106 7.71 17.95 -2.59
C GLY A 106 8.92 17.06 -2.24
N ILE A 107 8.71 15.78 -2.30
CA ILE A 107 9.80 14.80 -2.20
C ILE A 107 10.59 14.85 -3.49
N PRO A 108 11.92 14.99 -3.41
CA PRO A 108 12.72 15.02 -4.61
C PRO A 108 12.57 13.84 -5.56
N LEU A 109 12.53 14.02 -6.86
CA LEU A 109 12.38 12.94 -7.78
C LEU A 109 13.30 11.76 -7.58
N PRO A 110 14.58 11.94 -7.29
CA PRO A 110 15.41 10.76 -7.14
C PRO A 110 14.98 9.91 -5.95
N LEU A 111 14.45 10.53 -4.94
CA LEU A 111 13.99 9.83 -3.73
C LEU A 111 12.69 9.16 -4.04
N ILE A 112 11.80 9.81 -4.80
CA ILE A 112 10.58 9.13 -5.24
C ILE A 112 10.94 7.87 -5.99
N LYS A 113 11.89 7.96 -6.88
CA LYS A 113 12.27 6.90 -7.76
C LYS A 113 12.87 5.75 -6.97
N SER A 114 13.74 6.06 -6.00
CA SER A 114 14.31 5.07 -5.13
C SER A 114 13.26 4.36 -4.33
N TYR A 115 12.28 5.13 -3.82
CA TYR A 115 11.21 4.53 -3.04
C TYR A 115 10.38 3.63 -3.88
N LEU A 116 10.02 4.06 -5.06
CA LEU A 116 9.21 3.23 -5.92
C LEU A 116 9.94 1.96 -6.32
N PHE A 117 11.23 2.07 -6.59
CA PHE A 117 12.07 0.91 -6.97
C PHE A 117 12.15 -0.12 -5.85
N GLN A 118 12.35 0.37 -4.65
CA GLN A 118 12.39 -0.46 -3.46
C GLN A 118 11.05 -1.13 -3.18
N LEU A 119 9.95 -0.38 -3.34
CA LEU A 119 8.64 -0.95 -3.05
C LEU A 119 8.34 -2.00 -4.10
N LEU A 120 8.74 -1.81 -5.33
CA LEU A 120 8.53 -2.83 -6.36
C LEU A 120 9.34 -4.07 -6.03
N GLN A 121 10.53 -3.93 -5.46
CA GLN A 121 11.29 -5.09 -5.08
C GLN A 121 10.57 -5.90 -4.02
N GLY A 122 10.02 -5.23 -3.05
CA GLY A 122 9.23 -5.85 -1.98
C GLY A 122 8.06 -6.55 -2.56
N LEU A 123 7.36 -5.90 -3.48
CA LEU A 123 6.23 -6.57 -4.09
C LEU A 123 6.65 -7.75 -4.92
N ALA A 124 7.72 -7.60 -5.71
CA ALA A 124 8.19 -8.73 -6.55
C ALA A 124 8.47 -9.94 -5.70
N PHE A 125 9.05 -9.69 -4.55
CA PHE A 125 9.37 -10.78 -3.64
C PHE A 125 8.10 -11.45 -3.13
N CYS A 126 7.17 -10.66 -2.63
N CYS A 126 7.17 -10.72 -2.56
CA CYS A 126 5.99 -11.21 -1.97
CA CYS A 126 6.03 -11.44 -1.97
C CYS A 126 5.14 -11.92 -3.01
C CYS A 126 5.21 -12.03 -3.12
N HIS A 127 5.04 -11.30 -4.19
CA HIS A 127 4.26 -11.83 -5.27
C HIS A 127 4.81 -13.15 -5.82
N SER A 128 6.14 -13.28 -5.79
CA SER A 128 6.81 -14.55 -6.20
C SER A 128 6.45 -15.69 -5.26
N HIS A 129 6.11 -15.37 -4.06
CA HIS A 129 5.62 -16.31 -3.05
C HIS A 129 4.15 -16.37 -2.90
N ARG A 130 3.43 -15.81 -3.88
CA ARG A 130 2.02 -15.78 -3.93
C ARG A 130 1.36 -15.15 -2.73
N VAL A 131 1.95 -14.09 -2.23
CA VAL A 131 1.41 -13.36 -1.13
C VAL A 131 1.08 -11.94 -1.67
N LEU A 132 -0.14 -11.51 -1.50
CA LEU A 132 -0.60 -10.15 -1.79
C LEU A 132 -0.73 -9.35 -0.54
N HIS A 133 -0.68 -8.02 -0.69
CA HIS A 133 -0.96 -7.13 0.38
C HIS A 133 -2.42 -6.78 0.50
N ARG A 134 -2.93 -6.19 -0.57
CA ARG A 134 -4.34 -5.86 -0.79
C ARG A 134 -4.80 -4.53 -0.20
N ASP A 135 -4.02 -3.93 0.68
CA ASP A 135 -4.38 -2.61 1.22
C ASP A 135 -3.23 -1.71 1.38
N LEU A 136 -2.44 -1.58 0.34
CA LEU A 136 -1.35 -0.67 0.37
C LEU A 136 -1.82 0.78 0.45
N LYS A 137 -1.13 1.59 1.21
CA LYS A 137 -1.40 3.00 1.37
C LYS A 137 -0.25 3.69 2.06
N PRO A 138 -0.15 5.01 1.97
CA PRO A 138 1.03 5.62 2.54
C PRO A 138 1.24 5.36 4.00
N GLN A 139 0.17 5.13 4.70
CA GLN A 139 0.25 4.90 6.12
C GLN A 139 0.92 3.61 6.46
N ASN A 140 0.96 2.61 5.55
CA ASN A 140 1.65 1.37 5.80
C ASN A 140 2.96 1.18 5.02
N LEU A 141 3.47 2.28 4.52
CA LEU A 141 4.78 2.32 3.90
C LEU A 141 5.71 3.03 4.84
N LEU A 142 6.71 2.32 5.36
CA LEU A 142 7.51 2.82 6.45
C LEU A 142 8.94 3.09 5.99
N ILE A 143 9.55 4.15 6.53
CA ILE A 143 10.81 4.59 6.05
C ILE A 143 11.79 4.71 7.20
N ASN A 144 13.09 4.51 6.86
CA ASN A 144 14.19 4.68 7.83
C ASN A 144 15.13 5.77 7.39
N THR A 145 16.21 6.04 8.17
CA THR A 145 17.07 7.19 7.87
C THR A 145 18.09 6.90 6.79
N GLU A 146 18.22 5.65 6.42
CA GLU A 146 19.23 5.16 5.47
C GLU A 146 18.72 5.24 4.05
N GLY A 147 17.47 5.67 3.82
CA GLY A 147 16.92 5.70 2.47
C GLY A 147 16.11 4.49 2.12
N ALA A 148 15.86 3.61 3.08
CA ALA A 148 15.00 2.43 2.78
C ALA A 148 13.54 2.75 3.01
N ILE A 149 12.71 2.03 2.24
CA ILE A 149 11.27 2.03 2.48
C ILE A 149 10.82 0.61 2.49
N LYS A 150 9.82 0.31 3.33
CA LYS A 150 9.38 -1.06 3.49
C LYS A 150 7.87 -1.13 3.58
N LEU A 151 7.36 -2.23 3.14
CA LEU A 151 5.93 -2.50 3.14
C LEU A 151 5.55 -3.11 4.47
N ALA A 152 4.57 -2.53 5.15
CA ALA A 152 4.01 -3.01 6.43
C ALA A 152 2.64 -3.65 6.18
N ASP A 153 2.27 -4.55 7.09
CA ASP A 153 0.91 -5.20 7.15
C ASP A 153 0.67 -6.18 6.00
N PHE A 154 1.76 -6.66 5.37
CA PHE A 154 1.65 -7.59 4.28
C PHE A 154 1.00 -8.80 4.84
N GLY A 155 0.01 -9.30 4.13
CA GLY A 155 -0.62 -10.47 4.56
C GLY A 155 -1.74 -10.37 5.53
N LEU A 156 -1.98 -9.22 6.16
CA LEU A 156 -3.05 -9.08 7.14
C LEU A 156 -4.47 -9.02 6.52
N ALA A 157 -4.61 -8.48 5.32
CA ALA A 157 -5.93 -8.33 4.77
C ALA A 157 -6.48 -9.69 4.38
N ARG A 158 -5.63 -10.62 3.95
CA ARG A 158 -6.07 -11.97 3.65
C ARG A 158 -6.54 -12.67 4.90
N ALA A 159 -5.77 -12.53 5.96
CA ALA A 159 -6.10 -13.13 7.25
C ALA A 159 -7.37 -12.59 7.87
N PHE A 160 -7.62 -11.27 7.81
CA PHE A 160 -8.74 -10.60 8.49
C PHE A 160 -9.83 -9.97 7.65
N GLY A 161 -9.56 -9.76 6.37
CA GLY A 161 -10.43 -8.95 5.54
C GLY A 161 -10.02 -7.48 5.65
N VAL A 162 -10.56 -6.68 4.77
CA VAL A 162 -10.43 -5.24 4.85
C VAL A 162 -11.78 -4.67 5.19
N PRO A 163 -11.92 -4.15 6.42
CA PRO A 163 -13.18 -3.69 6.89
C PRO A 163 -13.51 -2.31 6.39
N VAL A 164 -14.76 -1.91 6.48
CA VAL A 164 -15.18 -0.57 6.09
C VAL A 164 -14.59 0.50 7.03
N ARG A 165 -14.69 0.21 8.35
CA ARG A 165 -14.09 1.05 9.37
C ARG A 165 -13.06 0.25 10.12
N THR A 166 -12.15 0.92 10.73
CA THR A 166 -11.14 0.32 11.57
C THR A 166 -11.76 -0.02 12.91
N TYR A 167 -10.93 -0.61 13.75
CA TYR A 167 -11.31 -0.97 15.10
C TYR A 167 -11.73 0.24 15.94
N THR A 168 -11.30 1.43 15.56
CA THR A 168 -11.71 2.69 16.24
C THR A 168 -12.72 3.49 15.45
N HIS A 169 -13.31 2.83 14.46
CA HIS A 169 -14.39 3.37 13.64
C HIS A 169 -13.96 4.33 12.58
N GLU A 170 -12.66 4.48 12.38
N GLU A 170 -12.66 4.51 12.39
CA GLU A 170 -12.15 5.36 11.36
CA GLU A 170 -12.14 5.41 11.38
C GLU A 170 -12.46 4.76 10.03
C GLU A 170 -12.37 4.78 10.04
N VAL A 171 -12.66 5.61 9.04
CA VAL A 171 -12.92 5.16 7.73
C VAL A 171 -11.64 4.59 7.12
N VAL A 172 -11.67 3.35 6.61
CA VAL A 172 -10.55 2.75 5.89
C VAL A 172 -10.52 3.42 4.50
N THR A 173 -9.39 3.98 4.12
CA THR A 173 -9.36 4.75 2.94
C THR A 173 -9.58 3.85 1.69
N LEU A 174 -10.32 4.42 0.74
CA LEU A 174 -10.58 3.78 -0.56
C LEU A 174 -9.67 4.32 -1.62
N TRP A 175 -8.78 5.27 -1.33
CA TRP A 175 -8.12 6.02 -2.34
C TRP A 175 -7.18 5.19 -3.19
N TYR A 176 -6.71 4.08 -2.64
CA TYR A 176 -5.72 3.23 -3.30
C TYR A 176 -6.25 1.95 -3.80
N ARG A 177 -7.56 1.81 -3.71
CA ARG A 177 -8.17 0.53 -4.03
C ARG A 177 -8.37 0.36 -5.54
N ALA A 178 -7.96 -0.82 -6.02
CA ALA A 178 -8.00 -1.13 -7.44
C ALA A 178 -9.45 -1.26 -7.91
N PRO A 179 -9.68 -0.92 -9.18
CA PRO A 179 -11.04 -0.91 -9.69
C PRO A 179 -11.68 -2.27 -9.67
N GLU A 180 -10.95 -3.36 -9.80
CA GLU A 180 -11.56 -4.68 -9.75
C GLU A 180 -12.14 -4.96 -8.43
N ILE A 181 -11.57 -4.45 -7.38
CA ILE A 181 -12.13 -4.64 -6.05
C ILE A 181 -13.40 -3.81 -5.92
N LEU A 182 -13.38 -2.54 -6.31
CA LEU A 182 -14.56 -1.70 -6.30
C LEU A 182 -15.68 -2.25 -7.10
N LEU A 183 -15.38 -2.98 -8.17
CA LEU A 183 -16.39 -3.54 -9.04
C LEU A 183 -16.87 -4.93 -8.59
N GLY A 184 -16.35 -5.38 -7.47
CA GLY A 184 -16.84 -6.58 -6.82
C GLY A 184 -16.20 -7.87 -7.18
N CYS A 185 -15.04 -7.87 -7.81
N CYS A 185 -15.03 -7.86 -7.77
CA CYS A 185 -14.32 -9.11 -8.15
CA CYS A 185 -14.30 -9.09 -8.05
C CYS A 185 -13.98 -9.88 -6.86
C CYS A 185 -14.20 -9.88 -6.73
N LYS A 186 -14.25 -11.19 -6.87
CA LYS A 186 -14.08 -12.09 -5.76
C LYS A 186 -12.60 -12.40 -5.51
N TYR A 187 -11.83 -12.55 -6.59
CA TYR A 187 -10.48 -13.07 -6.54
C TYR A 187 -9.53 -11.89 -6.76
N TYR A 188 -8.66 -11.65 -5.82
CA TYR A 188 -7.69 -10.56 -5.98
C TYR A 188 -6.44 -11.16 -6.57
N SER A 189 -5.84 -10.50 -7.58
CA SER A 189 -4.54 -10.94 -8.05
C SER A 189 -3.52 -9.92 -7.51
N THR A 190 -2.28 -10.28 -7.76
CA THR A 190 -1.15 -9.44 -7.34
C THR A 190 -1.21 -8.04 -7.98
N ALA A 191 -1.96 -7.90 -9.01
CA ALA A 191 -2.16 -6.65 -9.72
C ALA A 191 -2.81 -5.60 -8.80
N VAL A 192 -3.56 -6.01 -7.78
CA VAL A 192 -4.19 -4.99 -6.91
C VAL A 192 -3.13 -4.16 -6.20
N ASP A 193 -1.98 -4.77 -5.91
CA ASP A 193 -0.96 -4.07 -5.22
C ASP A 193 -0.22 -3.10 -6.15
N ILE A 194 -0.05 -3.52 -7.42
CA ILE A 194 0.56 -2.62 -8.39
C ILE A 194 -0.30 -1.35 -8.58
N TRP A 195 -1.62 -1.51 -8.62
CA TRP A 195 -2.51 -0.38 -8.73
C TRP A 195 -2.30 0.58 -7.57
N SER A 196 -2.30 0.07 -6.34
CA SER A 196 -2.18 0.87 -5.16
C SER A 196 -0.83 1.62 -5.21
N LEU A 197 0.22 0.93 -5.64
CA LEU A 197 1.51 1.54 -5.69
C LEU A 197 1.56 2.61 -6.75
N GLY A 198 0.86 2.43 -7.85
CA GLY A 198 0.76 3.47 -8.86
C GLY A 198 0.10 4.75 -8.32
N CYS A 199 -0.92 4.55 -7.54
CA CYS A 199 -1.61 5.70 -6.95
C CYS A 199 -0.74 6.42 -5.97
N ILE A 200 0.07 5.68 -5.22
CA ILE A 200 0.99 6.26 -4.30
C ILE A 200 2.13 6.99 -5.04
N PHE A 201 2.65 6.40 -6.09
CA PHE A 201 3.67 7.04 -6.93
C PHE A 201 3.17 8.40 -7.39
N ALA A 202 1.97 8.46 -7.89
CA ALA A 202 1.40 9.68 -8.41
C ALA A 202 1.27 10.72 -7.31
N GLU A 203 0.82 10.34 -6.16
CA GLU A 203 0.66 11.22 -5.01
C GLU A 203 1.99 11.78 -4.57
N MET A 204 3.06 10.96 -4.58
CA MET A 204 4.39 11.48 -4.25
C MET A 204 4.76 12.60 -5.24
N VAL A 205 4.53 12.32 -6.49
CA VAL A 205 4.93 13.28 -7.53
C VAL A 205 4.12 14.57 -7.43
N THR A 206 2.81 14.49 -7.33
CA THR A 206 1.98 15.68 -7.44
C THR A 206 1.68 16.37 -6.13
N ARG A 207 1.89 15.69 -4.99
CA ARG A 207 1.58 16.14 -3.64
C ARG A 207 0.12 16.28 -3.37
N ARG A 208 -0.65 15.49 -4.09
CA ARG A 208 -2.04 15.35 -3.83
C ARG A 208 -2.49 13.97 -4.19
N ALA A 209 -3.43 13.45 -3.43
CA ALA A 209 -3.92 12.12 -3.79
C ALA A 209 -4.51 12.11 -5.13
N LEU A 210 -4.31 10.99 -5.81
CA LEU A 210 -4.74 10.87 -7.18
C LEU A 210 -6.26 10.72 -7.29
N PHE A 211 -6.81 9.81 -6.48
CA PHE A 211 -8.23 9.50 -6.51
C PHE A 211 -8.77 9.52 -5.10
N PRO A 212 -9.03 10.73 -4.53
CA PRO A 212 -9.45 10.82 -3.10
C PRO A 212 -10.95 10.59 -2.92
N GLY A 213 -11.45 9.38 -3.22
CA GLY A 213 -12.84 9.10 -3.11
C GLY A 213 -13.32 9.08 -1.67
N ASP A 214 -14.54 9.50 -1.48
CA ASP A 214 -15.12 9.47 -0.15
C ASP A 214 -16.26 8.53 0.00
N SER A 215 -16.43 7.66 -0.94
CA SER A 215 -17.36 6.56 -0.96
C SER A 215 -16.97 5.63 -2.09
N GLU A 216 -17.50 4.45 -2.15
CA GLU A 216 -17.12 3.54 -3.22
C GLU A 216 -17.45 4.12 -4.54
N ILE A 217 -18.65 4.72 -4.70
CA ILE A 217 -18.99 5.30 -6.01
C ILE A 217 -18.17 6.51 -6.34
N ASP A 218 -17.86 7.34 -5.34
CA ASP A 218 -17.05 8.49 -5.62
C ASP A 218 -15.66 8.00 -6.06
N GLN A 219 -15.15 6.96 -5.36
CA GLN A 219 -13.84 6.43 -5.71
C GLN A 219 -13.85 5.95 -7.17
N LEU A 220 -14.83 5.15 -7.51
N LEU A 220 -14.82 5.14 -7.56
CA LEU A 220 -14.92 4.59 -8.83
CA LEU A 220 -14.91 4.67 -8.96
C LEU A 220 -15.05 5.69 -9.88
C LEU A 220 -14.99 5.81 -9.92
N PHE A 221 -15.91 6.72 -9.58
CA PHE A 221 -16.10 7.82 -10.50
C PHE A 221 -14.86 8.69 -10.67
N ARG A 222 -14.12 8.87 -9.62
CA ARG A 222 -12.87 9.63 -9.73
C ARG A 222 -11.88 8.90 -10.61
N ILE A 223 -11.78 7.60 -10.48
CA ILE A 223 -10.95 6.79 -11.37
C ILE A 223 -11.40 6.98 -12.77
N PHE A 224 -12.72 6.85 -13.00
CA PHE A 224 -13.25 6.93 -14.35
C PHE A 224 -13.02 8.31 -14.97
N ARG A 225 -13.17 9.38 -14.21
CA ARG A 225 -12.95 10.74 -14.70
C ARG A 225 -11.55 10.93 -15.21
N THR A 226 -10.59 10.27 -14.61
CA THR A 226 -9.17 10.40 -15.00
C THR A 226 -8.84 9.46 -16.10
N LEU A 227 -9.17 8.17 -15.92
CA LEU A 227 -8.69 7.12 -16.79
C LEU A 227 -9.64 6.70 -17.89
N GLY A 228 -10.81 7.28 -17.84
CA GLY A 228 -11.88 6.94 -18.71
C GLY A 228 -12.75 5.89 -18.10
N THR A 229 -14.05 5.93 -18.40
CA THR A 229 -14.90 4.84 -17.96
C THR A 229 -14.52 3.58 -18.63
N PRO A 230 -14.19 2.50 -17.90
CA PRO A 230 -13.76 1.31 -18.57
C PRO A 230 -14.83 0.63 -19.38
N ASP A 231 -14.40 0.00 -20.46
CA ASP A 231 -15.30 -0.78 -21.29
C ASP A 231 -14.65 -2.07 -21.70
N GLU A 232 -15.35 -2.87 -22.49
CA GLU A 232 -14.87 -4.14 -22.89
C GLU A 232 -13.61 -4.07 -23.72
N VAL A 233 -13.40 -2.92 -24.37
CA VAL A 233 -12.19 -2.69 -25.22
C VAL A 233 -10.97 -2.80 -24.37
N VAL A 234 -11.00 -2.03 -23.30
CA VAL A 234 -9.81 -1.94 -22.43
C VAL A 234 -9.73 -3.00 -21.36
N TRP A 235 -10.87 -3.59 -21.02
CA TRP A 235 -10.98 -4.49 -19.93
C TRP A 235 -12.00 -5.58 -20.21
N PRO A 236 -11.56 -6.61 -20.90
CA PRO A 236 -12.50 -7.72 -21.19
C PRO A 236 -13.13 -8.28 -19.96
N GLY A 237 -14.45 -8.37 -20.01
CA GLY A 237 -15.24 -8.85 -18.93
C GLY A 237 -15.69 -7.83 -17.94
N VAL A 238 -15.28 -6.56 -18.09
CA VAL A 238 -15.65 -5.60 -17.02
C VAL A 238 -17.17 -5.43 -16.90
N THR A 239 -17.87 -5.55 -18.01
CA THR A 239 -19.33 -5.29 -17.95
C THR A 239 -20.06 -6.41 -17.27
N SER A 240 -19.39 -7.52 -16.97
CA SER A 240 -19.97 -8.64 -16.22
C SER A 240 -19.55 -8.69 -14.78
N MET A 241 -18.85 -7.67 -14.30
CA MET A 241 -18.48 -7.65 -12.92
C MET A 241 -19.65 -7.38 -12.04
N PRO A 242 -19.60 -7.92 -10.85
CA PRO A 242 -20.77 -7.86 -9.95
C PRO A 242 -21.37 -6.48 -9.71
N ASP A 243 -20.54 -5.47 -9.62
CA ASP A 243 -21.01 -4.13 -9.28
C ASP A 243 -20.93 -3.16 -10.43
N TYR A 244 -20.72 -3.63 -11.64
CA TYR A 244 -20.67 -2.80 -12.79
C TYR A 244 -22.13 -2.47 -13.10
N LYS A 245 -22.37 -1.23 -13.44
CA LYS A 245 -23.71 -0.79 -13.87
C LYS A 245 -23.56 -0.14 -15.22
N PRO A 246 -24.38 -0.56 -16.21
CA PRO A 246 -24.45 0.10 -17.48
C PRO A 246 -24.74 1.62 -17.42
N SER A 247 -25.31 2.08 -16.32
CA SER A 247 -25.63 3.47 -16.14
C SER A 247 -24.51 4.34 -15.66
N PHE A 248 -23.34 3.71 -15.45
CA PHE A 248 -22.21 4.57 -15.11
C PHE A 248 -22.01 5.64 -16.18
N PRO A 249 -21.76 6.84 -15.79
CA PRO A 249 -21.40 7.88 -16.77
C PRO A 249 -20.15 7.48 -17.56
N LYS A 250 -20.16 7.89 -18.83
CA LYS A 250 -19.04 7.61 -19.74
C LYS A 250 -18.14 8.85 -19.82
N TRP A 251 -17.05 8.82 -19.08
CA TRP A 251 -16.04 9.85 -19.13
C TRP A 251 -14.93 9.46 -20.03
N ALA A 252 -14.38 10.47 -20.69
CA ALA A 252 -13.17 10.36 -21.51
C ALA A 252 -11.92 10.21 -20.66
N ARG A 253 -10.93 9.54 -21.21
CA ARG A 253 -9.62 9.38 -20.57
C ARG A 253 -8.81 10.67 -20.69
N GLN A 254 -8.17 11.08 -19.60
N GLN A 254 -8.18 11.10 -19.61
CA GLN A 254 -7.25 12.26 -19.57
CA GLN A 254 -7.24 12.24 -19.66
C GLN A 254 -5.77 11.90 -19.81
C GLN A 254 -5.84 11.80 -20.07
N ASP A 255 -5.02 12.78 -20.49
CA ASP A 255 -3.65 12.50 -20.75
C ASP A 255 -2.89 12.51 -19.46
N PHE A 256 -1.97 11.55 -19.27
CA PHE A 256 -1.10 11.59 -18.07
C PHE A 256 -0.25 12.80 -17.91
N SER A 257 0.05 13.49 -19.02
CA SER A 257 0.75 14.72 -18.88
C SER A 257 -0.01 15.70 -18.03
N LYS A 258 -1.35 15.60 -17.96
CA LYS A 258 -2.12 16.44 -17.08
C LYS A 258 -2.21 15.94 -15.68
N VAL A 259 -2.15 14.65 -15.55
CA VAL A 259 -2.47 13.95 -14.29
C VAL A 259 -1.29 14.06 -13.34
N VAL A 260 -0.11 13.78 -13.85
CA VAL A 260 1.06 13.83 -13.04
C VAL A 260 2.22 14.69 -13.50
N PRO A 261 1.99 15.95 -13.86
CA PRO A 261 3.16 16.79 -14.07
C PRO A 261 3.93 16.97 -12.72
N PRO A 262 5.27 17.03 -12.72
CA PRO A 262 6.20 17.10 -13.86
C PRO A 262 6.95 15.78 -14.09
N LEU A 263 6.24 14.67 -14.02
CA LEU A 263 6.84 13.45 -14.21
C LEU A 263 7.28 13.31 -15.69
N ASP A 264 8.45 12.73 -15.89
CA ASP A 264 9.04 12.54 -17.21
C ASP A 264 8.37 11.45 -17.98
N GLU A 265 8.69 11.35 -19.26
CA GLU A 265 8.09 10.38 -20.11
C GLU A 265 8.21 8.92 -19.61
N ASP A 266 9.34 8.54 -19.07
CA ASP A 266 9.53 7.17 -18.62
C ASP A 266 8.61 6.91 -17.41
N GLY A 267 8.59 7.88 -16.52
CA GLY A 267 7.70 7.81 -15.34
C GLY A 267 6.27 7.76 -15.72
N ARG A 268 5.82 8.53 -16.69
CA ARG A 268 4.42 8.53 -17.07
C ARG A 268 4.06 7.23 -17.75
N SER A 269 5.01 6.66 -18.49
CA SER A 269 4.80 5.37 -19.14
C SER A 269 4.62 4.29 -18.12
N LEU A 270 5.53 4.30 -17.16
CA LEU A 270 5.41 3.27 -16.13
C LEU A 270 4.10 3.43 -15.35
N LEU A 271 3.79 4.63 -14.94
CA LEU A 271 2.54 4.84 -14.18
C LEU A 271 1.38 4.38 -14.97
N SER A 272 1.34 4.73 -16.23
CA SER A 272 0.24 4.21 -17.05
C SER A 272 0.10 2.73 -17.06
N GLN A 273 1.20 1.98 -17.04
CA GLN A 273 1.18 0.59 -17.04
C GLN A 273 0.76 0.04 -15.67
N MET A 274 1.06 0.77 -14.62
CA MET A 274 0.63 0.35 -13.29
C MET A 274 -0.88 0.62 -13.03
N LEU A 275 -1.44 1.48 -13.84
CA LEU A 275 -2.87 1.82 -13.70
C LEU A 275 -3.69 1.29 -14.85
N HIS A 276 -3.23 0.32 -15.62
CA HIS A 276 -4.11 -0.32 -16.56
C HIS A 276 -5.31 -0.89 -15.83
N TYR A 277 -6.50 -0.72 -16.44
CA TYR A 277 -7.68 -1.31 -15.85
C TYR A 277 -7.65 -2.81 -15.73
N ASP A 278 -7.28 -3.48 -16.82
CA ASP A 278 -7.29 -4.96 -16.82
C ASP A 278 -6.18 -5.49 -15.94
N PRO A 279 -6.53 -6.14 -14.84
CA PRO A 279 -5.43 -6.65 -14.00
C PRO A 279 -4.51 -7.61 -14.71
N ASN A 280 -5.00 -8.27 -15.76
CA ASN A 280 -4.14 -9.17 -16.53
C ASN A 280 -3.13 -8.42 -17.36
N LYS A 281 -3.42 -7.17 -17.74
CA LYS A 281 -2.53 -6.29 -18.49
C LYS A 281 -1.60 -5.43 -17.64
N ARG A 282 -1.98 -5.21 -16.39
CA ARG A 282 -1.21 -4.26 -15.56
C ARG A 282 0.18 -4.81 -15.34
N ILE A 283 1.17 -3.96 -15.34
CA ILE A 283 2.53 -4.41 -15.25
C ILE A 283 2.75 -5.15 -13.96
N SER A 284 3.60 -6.19 -13.99
CA SER A 284 4.01 -6.87 -12.76
C SER A 284 5.13 -6.14 -12.09
N ALA A 285 5.38 -6.46 -10.85
CA ALA A 285 6.44 -5.84 -10.07
C ALA A 285 7.77 -6.18 -10.77
N LYS A 286 7.94 -7.44 -11.19
CA LYS A 286 9.23 -7.82 -11.80
C LYS A 286 9.45 -7.07 -13.06
N ALA A 287 8.40 -6.94 -13.90
CA ALA A 287 8.52 -6.20 -15.17
C ALA A 287 8.79 -4.69 -14.90
N ALA A 288 8.14 -4.15 -13.87
CA ALA A 288 8.36 -2.77 -13.51
C ALA A 288 9.79 -2.46 -13.14
N LEU A 289 10.43 -3.40 -12.48
CA LEU A 289 11.82 -3.20 -12.05
C LEU A 289 12.75 -3.06 -13.21
N ALA A 290 12.37 -3.66 -14.33
CA ALA A 290 13.13 -3.59 -15.55
C ALA A 290 12.83 -2.36 -16.41
N HIS A 291 11.88 -1.53 -15.98
CA HIS A 291 11.43 -0.43 -16.80
C HIS A 291 12.53 0.60 -16.97
N PRO A 292 12.58 1.27 -18.13
CA PRO A 292 13.62 2.32 -18.30
C PRO A 292 13.60 3.45 -17.28
N PHE A 293 12.47 3.71 -16.63
CA PHE A 293 12.42 4.70 -15.57
C PHE A 293 13.50 4.50 -14.53
N PHE A 294 13.89 3.25 -14.33
CA PHE A 294 14.81 2.92 -13.31
C PHE A 294 16.28 2.90 -13.75
N GLN A 295 16.54 3.28 -15.00
CA GLN A 295 17.90 3.26 -15.60
C GLN A 295 18.87 4.00 -14.73
N ASP A 296 18.43 5.10 -14.15
CA ASP A 296 19.31 5.94 -13.35
C ASP A 296 18.94 5.96 -11.91
N VAL A 297 18.29 4.90 -11.44
CA VAL A 297 17.93 4.92 -10.06
C VAL A 297 19.13 4.88 -9.14
N THR A 298 18.98 5.59 -8.05
CA THR A 298 20.00 5.78 -7.00
C THR A 298 19.33 5.56 -5.68
N LYS A 299 20.07 5.68 -4.60
CA LYS A 299 19.50 5.49 -3.31
C LYS A 299 19.91 6.73 -2.49
N PRO A 300 19.19 7.84 -2.68
CA PRO A 300 19.46 9.02 -1.86
C PRO A 300 19.06 8.84 -0.44
N VAL A 301 19.62 9.70 0.44
CA VAL A 301 19.35 9.74 1.90
C VAL A 301 18.32 10.87 2.13
N PRO A 302 17.14 10.56 2.67
CA PRO A 302 16.09 11.58 2.86
C PRO A 302 16.43 12.52 4.01
N HIS A 303 16.18 13.80 3.77
CA HIS A 303 16.16 14.84 4.77
C HIS A 303 15.10 14.45 5.83
N LEU A 304 15.56 14.07 7.02
CA LEU A 304 14.67 13.62 8.12
C LEU A 304 15.04 14.26 9.47
N ARG A 305 14.04 14.35 10.35
CA ARG A 305 14.24 14.65 11.77
C ARG A 305 13.34 13.76 12.63
N LEU A 306 13.93 13.11 13.65
CA LEU A 306 13.29 12.07 14.48
C LEU A 306 13.14 12.51 15.94
C4 8QT B . 3.20 1.93 11.82
C4 8QT B . 3.19 1.91 11.83
C14 8QT B . 4.60 -2.21 12.44
C14 8QT B . 4.61 -2.21 12.44
C5 8QT B . 5.40 2.59 12.22
C5 8QT B . 5.40 2.58 12.23
C6 8QT B . 6.16 4.89 11.81
C6 8QT B . 6.15 4.89 11.81
C11 8QT B . 5.16 6.96 12.83
C11 8QT B . 5.19 6.97 12.85
C7 8QT B . 5.99 5.87 12.95
C7 8QT B . 5.99 5.87 12.96
C8 8QT B . 6.64 5.70 14.14
C8 8QT B . 6.67 5.70 14.14
C9 8QT B . 6.45 6.60 15.16
C9 8QT B . 6.50 6.59 15.16
C10 8QT B . 5.61 7.64 14.96
C10 8QT B . 5.68 7.64 14.97
C12 8QT B . 5.73 1.25 12.44
C12 8QT B . 5.73 1.24 12.44
C13 8QT B . 6.59 -0.65 12.74
C13 8QT B . 6.60 -0.66 12.73
N1 8QT B . 1.97 2.33 11.46
N1 8QT B . 1.95 2.30 11.47
N2 8QT B . 4.14 2.90 11.94
N2 8QT B . 4.12 2.89 11.94
C3 8QT B . 0.82 1.43 11.46
C3 8QT B . 0.79 1.41 11.36
N3 8QT B . 6.34 3.54 12.31
N3 8QT B . 6.33 3.54 12.31
C1 8QT B . -0.37 3.00 13.05
C1 8QT B . -0.26 2.99 13.06
C2 8QT B . -0.45 2.21 11.77
C2 8QT B . -0.47 2.14 11.84
N4 8QT B . 4.97 7.86 13.81
N4 8QT B . 5.01 7.86 13.82
N5 8QT B . 6.94 0.61 12.73
N5 8QT B . 6.94 0.61 12.73
N6 8QT B . 5.26 -0.90 12.54
N6 8QT B . 5.27 -0.90 12.53
C15 8QT B . 4.25 -2.48 11.01
C15 8QT B . 4.24 -2.48 11.00
C16 8QT B . 3.39 -2.28 13.37
C16 8QT B . 3.40 -2.28 13.36
C17 8QT B . 4.70 0.34 12.29
C17 8QT B . 4.71 0.33 12.29
N7 8QT B . 3.41 0.61 12.00
N7 8QT B . 3.41 0.59 12.01
C18 8QT B . 0.73 0.62 10.15
C18 8QT B . 0.56 0.83 9.94
C19 8QT B . -0.40 -0.38 10.17
C19 8QT B . 1.69 0.00 9.41
O1 8QT B . 0.50 1.43 9.00
O1 8QT B . -0.63 0.03 9.95
#